data_4B3D
#
_entry.id   4B3D
#
_cell.length_a   40.280
_cell.length_b   87.246
_cell.length_c   62.628
_cell.angle_alpha   90.00
_cell.angle_beta   91.50
_cell.angle_gamma   90.00
#
_symmetry.space_group_name_H-M   'P 1 21 1'
#
loop_
_entity.id
_entity.type
_entity.pdbx_description
1 polymer 'DNA REPAIR AND RECOMBINATION PROTEIN RADA'
2 non-polymer 'PHOSPHATE ION'
3 non-polymer '5-METHYL INDOLE'
4 water water
#
_entity_poly.entity_id   1
_entity_poly.type   'polypeptide(L)'
_entity_poly.pdbx_seq_one_letter_code
;MATIGRISTGSKSLDKLLGGGIETQAITEVFGEFGSGKTQLAHTLAVMVQLPPEEGGLNGSVMWIDTENTFRPERIREIA
QNRGLDPDEVLKHIAYARAFNSNHQMLLVQQAEDMIKELLNTDRPVKLLIVDSLTSHFRSEYIGRGALAERQQKLAKHLA
DLHRLANLYDIAVFVTNQVQANGGHILAHSATLRVYLRKGKGGKRIARLIDAPHLPEGEAVFSITEKGIED
;
_entity_poly.pdbx_strand_id   A,C
#
loop_
_chem_comp.id
_chem_comp.type
_chem_comp.name
_chem_comp.formula
5MI non-polymer '5-METHYL INDOLE' 'C9 H9 N'
PO4 non-polymer 'PHOSPHATE ION' 'O4 P -3'
#
# COMPACT_ATOMS: atom_id res chain seq x y z
N ALA A 2 15.05 -7.79 -2.97
CA ALA A 2 15.95 -7.50 -4.08
C ALA A 2 16.92 -6.40 -3.67
N THR A 3 18.19 -6.57 -4.02
N THR A 3 18.19 -6.57 -4.02
CA THR A 3 19.21 -5.60 -3.60
CA THR A 3 19.21 -5.60 -3.66
C THR A 3 19.01 -4.24 -4.25
C THR A 3 18.86 -4.23 -4.22
N ILE A 4 19.18 -3.19 -3.45
CA ILE A 4 19.00 -1.82 -3.91
C ILE A 4 20.12 -1.48 -4.88
N GLY A 5 19.76 -0.89 -6.02
CA GLY A 5 20.74 -0.33 -6.92
C GLY A 5 21.04 1.12 -6.60
N ARG A 6 22.23 1.59 -6.98
N ARG A 6 22.21 1.62 -7.04
CA ARG A 6 22.54 2.99 -6.81
CA ARG A 6 22.63 2.99 -6.74
C ARG A 6 22.92 3.60 -8.14
C ARG A 6 23.21 3.77 -7.93
N ILE A 7 22.55 4.86 -8.30
CA ILE A 7 22.94 5.64 -9.46
C ILE A 7 23.81 6.80 -9.02
N SER A 8 25.02 6.88 -9.57
CA SER A 8 25.87 8.05 -9.31
C SER A 8 25.26 9.33 -9.87
N THR A 9 25.41 10.43 -9.13
CA THR A 9 24.92 11.73 -9.57
C THR A 9 25.91 12.45 -10.48
N GLY A 10 27.14 11.98 -10.50
CA GLY A 10 28.21 12.64 -11.23
C GLY A 10 29.11 13.43 -10.29
N SER A 11 28.61 13.70 -9.09
CA SER A 11 29.40 14.36 -8.06
C SER A 11 29.74 13.40 -6.95
N LYS A 12 31.03 13.23 -6.67
CA LYS A 12 31.47 12.35 -5.59
C LYS A 12 30.98 12.86 -4.24
N SER A 13 30.95 14.18 -4.11
CA SER A 13 30.48 14.84 -2.91
C SER A 13 29.02 14.47 -2.62
N LEU A 14 28.19 14.69 -3.62
CA LEU A 14 26.77 14.37 -3.49
C LEU A 14 26.54 12.87 -3.33
N ASP A 15 27.27 12.07 -4.11
CA ASP A 15 27.19 10.62 -3.95
C ASP A 15 27.42 10.20 -2.49
N LYS A 16 28.46 10.75 -1.86
CA LYS A 16 28.80 10.39 -0.49
C LYS A 16 27.65 10.75 0.45
N LEU A 17 27.09 11.94 0.26
CA LEU A 17 25.97 12.40 1.06
C LEU A 17 24.80 11.42 0.98
N LEU A 18 24.61 10.86 -0.21
CA LEU A 18 23.49 9.96 -0.48
C LEU A 18 23.78 8.50 -0.13
N GLY A 19 24.99 8.20 0.30
CA GLY A 19 25.36 6.82 0.63
C GLY A 19 25.77 6.00 -0.58
N GLY A 20 26.15 6.68 -1.65
CA GLY A 20 26.65 5.99 -2.84
C GLY A 20 25.97 6.43 -4.12
N GLY A 21 24.85 7.13 -3.99
CA GLY A 21 24.07 7.54 -5.14
C GLY A 21 22.58 7.46 -4.87
N ILE A 22 21.75 7.82 -5.84
N ILE A 22 21.77 7.80 -5.87
CA ILE A 22 20.31 7.73 -5.62
CA ILE A 22 20.33 7.68 -5.79
C ILE A 22 19.86 6.28 -5.76
C ILE A 22 19.93 6.21 -5.73
N GLU A 23 18.97 5.88 -4.87
CA GLU A 23 18.54 4.48 -4.70
C GLU A 23 17.35 4.03 -5.54
N THR A 24 17.40 2.79 -6.03
CA THR A 24 16.20 2.18 -6.59
C THR A 24 15.30 1.81 -5.41
N GLN A 25 14.03 1.47 -5.70
CA GLN A 25 13.07 1.15 -4.65
C GLN A 25 12.90 2.31 -3.68
N ALA A 26 13.02 3.53 -4.21
CA ALA A 26 12.89 4.73 -3.41
C ALA A 26 12.47 5.91 -4.27
N ILE A 27 11.83 6.89 -3.63
CA ILE A 27 11.59 8.18 -4.25
C ILE A 27 12.52 9.19 -3.59
N THR A 28 13.41 9.77 -4.40
CA THR A 28 14.29 10.83 -3.93
C THR A 28 13.71 12.14 -4.42
N GLU A 29 13.46 13.06 -3.48
CA GLU A 29 12.81 14.33 -3.78
C GLU A 29 13.79 15.45 -3.52
N VAL A 30 14.18 16.15 -4.57
N VAL A 30 14.15 16.19 -4.56
CA VAL A 30 15.07 17.29 -4.43
CA VAL A 30 14.99 17.37 -4.38
C VAL A 30 14.26 18.59 -4.53
C VAL A 30 14.13 18.64 -4.27
N PHE A 31 14.37 19.41 -3.49
N PHE A 31 14.37 19.44 -3.23
CA PHE A 31 13.61 20.65 -3.41
CA PHE A 31 13.68 20.70 -2.98
C PHE A 31 14.51 21.85 -3.17
C PHE A 31 14.62 21.86 -3.25
N GLY A 32 14.11 22.98 -3.74
CA GLY A 32 14.91 24.18 -3.77
C GLY A 32 14.22 25.28 -4.55
N GLU A 33 14.71 26.51 -4.39
CA GLU A 33 14.13 27.63 -5.13
C GLU A 33 14.40 27.52 -6.62
N PHE A 34 13.65 28.28 -7.41
CA PHE A 34 13.92 28.45 -8.83
C PHE A 34 15.40 28.74 -9.06
N GLY A 35 16.02 28.02 -9.99
CA GLY A 35 17.40 28.24 -10.35
C GLY A 35 18.42 27.47 -9.51
N SER A 36 17.94 26.61 -8.61
CA SER A 36 18.82 25.93 -7.68
C SER A 36 19.64 24.83 -8.36
N GLY A 37 19.12 24.31 -9.48
CA GLY A 37 19.81 23.27 -10.22
C GLY A 37 19.10 21.91 -10.24
N LYS A 38 17.85 21.88 -9.77
CA LYS A 38 17.11 20.62 -9.70
C LYS A 38 17.01 19.92 -11.06
N THR A 39 16.66 20.68 -12.10
CA THR A 39 16.54 20.10 -13.44
C THR A 39 17.88 19.69 -14.05
N GLN A 40 18.95 20.41 -13.72
CA GLN A 40 20.29 19.95 -14.13
C GLN A 40 20.64 18.59 -13.52
N LEU A 41 20.30 18.37 -12.26
CA LEU A 41 20.53 17.08 -11.62
C LEU A 41 19.71 16.00 -12.32
N ALA A 42 18.46 16.31 -12.67
CA ALA A 42 17.63 15.35 -13.41
C ALA A 42 18.24 14.95 -14.75
N HIS A 43 18.70 15.94 -15.51
CA HIS A 43 19.34 15.69 -16.80
C HIS A 43 20.59 14.83 -16.64
N THR A 44 21.36 15.11 -15.58
CA THR A 44 22.61 14.38 -15.34
C THR A 44 22.31 12.93 -14.99
N LEU A 45 21.35 12.70 -14.11
CA LEU A 45 20.94 11.34 -13.74
C LEU A 45 20.41 10.53 -14.93
N ALA A 46 19.73 11.21 -15.85
CA ALA A 46 19.14 10.54 -17.02
C ALA A 46 20.25 9.99 -17.91
N VAL A 47 21.46 10.54 -17.77
CA VAL A 47 22.63 10.04 -18.49
C VAL A 47 23.37 9.01 -17.64
N MET A 48 23.69 9.36 -16.40
CA MET A 48 24.44 8.48 -15.51
C MET A 48 23.82 7.08 -15.38
N VAL A 49 22.50 7.00 -15.35
CA VAL A 49 21.85 5.70 -15.14
C VAL A 49 22.16 4.73 -16.26
N GLN A 50 22.52 5.27 -17.43
CA GLN A 50 22.73 4.45 -18.63
C GLN A 50 24.15 3.87 -18.69
N LEU A 51 25.02 4.34 -17.81
CA LEU A 51 26.37 3.80 -17.67
C LEU A 51 26.32 2.38 -17.10
N PRO A 52 27.33 1.56 -17.39
CA PRO A 52 27.42 0.25 -16.72
C PRO A 52 27.69 0.39 -15.22
N PRO A 53 27.46 -0.68 -14.44
CA PRO A 53 27.57 -0.59 -12.97
C PRO A 53 28.96 -0.15 -12.47
N GLU A 54 30.03 -0.58 -13.12
CA GLU A 54 31.37 -0.21 -12.66
C GLU A 54 31.71 1.27 -12.88
N GLU A 55 30.87 1.96 -13.65
CA GLU A 55 31.03 3.39 -13.88
C GLU A 55 29.93 4.22 -13.17
N GLY A 56 29.15 3.56 -12.32
CA GLY A 56 28.17 4.26 -11.48
C GLY A 56 26.72 4.23 -11.96
N GLY A 57 26.44 3.52 -13.05
CA GLY A 57 25.09 3.41 -13.56
C GLY A 57 24.45 2.03 -13.39
N LEU A 58 23.33 1.82 -14.07
CA LEU A 58 22.59 0.55 -13.99
C LEU A 58 22.22 -0.04 -15.35
N ASN A 59 22.92 0.38 -16.40
CA ASN A 59 22.57 -0.04 -17.76
C ASN A 59 21.08 0.17 -18.02
N GLY A 60 20.56 1.28 -17.53
CA GLY A 60 19.11 1.42 -17.50
C GLY A 60 18.51 2.33 -18.54
N SER A 61 17.22 2.12 -18.79
CA SER A 61 16.41 3.03 -19.58
C SER A 61 15.77 4.05 -18.65
N VAL A 62 15.23 5.11 -19.24
CA VAL A 62 14.69 6.22 -18.46
C VAL A 62 13.28 6.54 -18.92
N MET A 63 12.40 6.91 -17.98
CA MET A 63 11.13 7.52 -18.35
C MET A 63 11.05 8.89 -17.66
N TRP A 64 10.58 9.89 -18.40
CA TRP A 64 10.65 11.28 -17.94
C TRP A 64 9.30 11.95 -18.12
N ILE A 65 8.70 12.40 -17.02
CA ILE A 65 7.47 13.18 -17.05
C ILE A 65 7.79 14.65 -16.73
N ASP A 66 7.52 15.53 -17.70
CA ASP A 66 7.90 16.94 -17.67
C ASP A 66 6.62 17.77 -17.52
N THR A 67 6.54 18.59 -16.47
CA THR A 67 5.37 19.45 -16.30
C THR A 67 5.61 20.92 -16.65
N GLU A 68 6.86 21.29 -16.92
CA GLU A 68 7.23 22.69 -17.15
C GLU A 68 7.97 22.92 -18.49
N ASN A 69 7.93 21.95 -19.39
CA ASN A 69 8.65 22.08 -20.67
C ASN A 69 10.13 22.41 -20.48
N THR A 70 10.76 21.78 -19.49
CA THR A 70 12.17 22.07 -19.19
C THR A 70 13.16 20.98 -19.62
N PHE A 71 12.67 19.90 -20.20
CA PHE A 71 13.56 18.86 -20.73
C PHE A 71 14.27 19.40 -21.97
N ARG A 72 15.58 19.20 -22.06
CA ARG A 72 16.37 19.71 -23.18
C ARG A 72 17.24 18.59 -23.77
N PRO A 73 16.81 18.02 -24.90
CA PRO A 73 17.54 16.89 -25.52
C PRO A 73 19.00 17.24 -25.80
N GLU A 74 19.26 18.50 -26.14
CA GLU A 74 20.63 18.88 -26.46
C GLU A 74 21.53 18.93 -25.21
N ARG A 75 20.95 19.21 -24.05
CA ARG A 75 21.69 19.12 -22.80
C ARG A 75 22.07 17.68 -22.52
N ILE A 76 21.14 16.76 -22.82
CA ILE A 76 21.37 15.33 -22.64
C ILE A 76 22.54 14.89 -23.54
N ARG A 77 22.48 15.29 -24.79
CA ARG A 77 23.54 14.96 -25.74
C ARG A 77 24.89 15.46 -25.24
N GLU A 78 24.92 16.70 -24.77
CA GLU A 78 26.14 17.31 -24.25
C GLU A 78 26.71 16.51 -23.07
N ILE A 79 25.86 16.19 -22.09
CA ILE A 79 26.32 15.44 -20.94
C ILE A 79 26.84 14.05 -21.32
N ALA A 80 26.12 13.38 -22.20
CA ALA A 80 26.49 12.05 -22.66
C ALA A 80 27.89 12.04 -23.25
N GLN A 81 28.13 12.98 -24.15
CA GLN A 81 29.42 13.11 -24.83
C GLN A 81 30.59 13.15 -23.84
N ASN A 82 30.40 13.86 -22.73
CA ASN A 82 31.48 14.07 -21.77
C ASN A 82 31.52 13.03 -20.64
N ARG A 83 30.69 12.01 -20.73
CA ARG A 83 30.66 10.96 -19.73
C ARG A 83 31.05 9.63 -20.34
N GLY A 84 31.49 9.67 -21.60
CA GLY A 84 31.96 8.48 -22.29
C GLY A 84 30.89 7.68 -23.02
N LEU A 85 29.71 8.28 -23.20
CA LEU A 85 28.60 7.60 -23.85
C LEU A 85 28.28 8.22 -25.21
N ASP A 86 27.49 7.51 -26.02
CA ASP A 86 27.03 8.04 -27.31
C ASP A 86 25.71 8.80 -27.21
N PRO A 87 25.72 10.08 -27.61
CA PRO A 87 24.56 10.98 -27.40
C PRO A 87 23.26 10.49 -28.05
N ASP A 88 23.33 9.92 -29.25
CA ASP A 88 22.13 9.41 -29.90
C ASP A 88 21.52 8.22 -29.15
N GLU A 89 22.34 7.25 -28.80
CA GLU A 89 21.87 6.08 -28.04
C GLU A 89 21.26 6.47 -26.71
N VAL A 90 21.88 7.43 -26.04
CA VAL A 90 21.39 7.89 -24.74
C VAL A 90 20.01 8.53 -24.86
N LEU A 91 19.81 9.37 -25.86
CA LEU A 91 18.50 9.99 -26.08
C LEU A 91 17.44 8.95 -26.43
N LYS A 92 17.83 7.94 -27.20
CA LYS A 92 16.91 6.89 -27.59
C LYS A 92 16.36 6.14 -26.39
N HIS A 93 17.11 6.10 -25.30
CA HIS A 93 16.69 5.36 -24.11
C HIS A 93 16.01 6.23 -23.06
N ILE A 94 15.62 7.44 -23.46
CA ILE A 94 14.76 8.27 -22.61
C ILE A 94 13.37 8.41 -23.21
N ALA A 95 12.36 7.80 -22.58
CA ALA A 95 10.97 7.92 -23.00
C ALA A 95 10.37 9.16 -22.36
N TYR A 96 9.92 10.09 -23.19
CA TYR A 96 9.59 11.43 -22.70
C TYR A 96 8.13 11.75 -22.89
N ALA A 97 7.51 12.34 -21.86
CA ALA A 97 6.14 12.78 -21.97
C ALA A 97 5.94 14.08 -21.23
N ARG A 98 5.13 14.97 -21.80
N ARG A 98 5.17 14.99 -21.82
CA ARG A 98 4.81 16.23 -21.14
CA ARG A 98 4.79 16.21 -21.13
C ARG A 98 3.42 16.13 -20.50
C ARG A 98 3.45 16.01 -20.46
N ALA A 99 3.34 16.40 -19.20
CA ALA A 99 2.08 16.33 -18.49
C ALA A 99 1.31 17.63 -18.69
N PHE A 100 0.10 17.52 -19.21
CA PHE A 100 -0.71 18.67 -19.56
C PHE A 100 -1.30 19.37 -18.31
N ASN A 101 -1.67 18.57 -17.32
CA ASN A 101 -2.21 19.06 -16.05
C ASN A 101 -1.97 17.96 -14.99
N SER A 102 -2.42 18.16 -13.77
CA SER A 102 -2.09 17.18 -12.74
C SER A 102 -2.80 15.84 -12.93
N ASN A 103 -3.99 15.85 -13.51
CA ASN A 103 -4.72 14.62 -13.77
C ASN A 103 -4.06 13.77 -14.84
N HIS A 104 -3.57 14.43 -15.88
CA HIS A 104 -2.83 13.76 -16.95
C HIS A 104 -1.49 13.26 -16.41
N GLN A 105 -0.86 14.06 -15.55
CA GLN A 105 0.35 13.62 -14.87
C GLN A 105 0.14 12.31 -14.10
N MET A 106 -0.99 12.23 -13.39
CA MET A 106 -1.29 11.00 -12.65
C MET A 106 -1.53 9.81 -13.61
N LEU A 107 -2.19 10.08 -14.73
CA LEU A 107 -2.43 9.02 -15.70
C LEU A 107 -1.12 8.52 -16.34
N LEU A 108 -0.20 9.43 -16.63
CA LEU A 108 1.07 9.07 -17.27
C LEU A 108 1.85 8.06 -16.40
N VAL A 109 1.73 8.18 -15.08
CA VAL A 109 2.40 7.21 -14.21
C VAL A 109 1.82 5.80 -14.40
N GLN A 110 0.50 5.71 -14.56
CA GLN A 110 -0.12 4.43 -14.86
C GLN A 110 0.28 3.92 -16.24
N GLN A 111 0.38 4.82 -17.20
CA GLN A 111 0.84 4.47 -18.54
C GLN A 111 2.28 3.96 -18.55
N ALA A 112 3.11 4.55 -17.70
CA ALA A 112 4.52 4.19 -17.67
C ALA A 112 4.72 2.70 -17.37
N GLU A 113 3.81 2.14 -16.58
CA GLU A 113 3.97 0.74 -16.17
C GLU A 113 3.99 -0.20 -17.36
N ASP A 114 3.27 0.15 -18.42
CA ASP A 114 3.29 -0.68 -19.63
C ASP A 114 4.69 -0.83 -20.21
N MET A 115 5.38 0.29 -20.41
N MET A 115 5.38 0.29 -20.42
CA MET A 115 6.74 0.27 -20.93
CA MET A 115 6.75 0.23 -20.94
C MET A 115 7.70 -0.38 -19.94
C MET A 115 7.69 -0.41 -19.95
N ILE A 116 7.51 -0.11 -18.66
CA ILE A 116 8.33 -0.74 -17.63
C ILE A 116 8.24 -2.27 -17.73
N LYS A 117 7.03 -2.78 -17.84
CA LYS A 117 6.85 -4.23 -17.98
C LYS A 117 7.51 -4.76 -19.22
N GLU A 118 7.38 -4.03 -20.33
CA GLU A 118 7.95 -4.45 -21.59
C GLU A 118 9.46 -4.63 -21.54
N LEU A 119 10.13 -3.69 -20.88
CA LEU A 119 11.59 -3.65 -20.86
C LEU A 119 12.22 -4.44 -19.71
N LEU A 120 11.38 -4.90 -18.79
CA LEU A 120 11.84 -5.43 -17.50
C LEU A 120 12.90 -6.51 -17.59
N ASN A 121 12.72 -7.44 -18.52
CA ASN A 121 13.62 -8.57 -18.60
C ASN A 121 14.50 -8.51 -19.84
N THR A 122 14.63 -7.29 -20.39
CA THR A 122 15.61 -7.01 -21.43
C THR A 122 16.92 -6.52 -20.79
N ASP A 123 17.93 -6.25 -21.61
CA ASP A 123 19.20 -5.80 -21.04
C ASP A 123 19.26 -4.30 -20.71
N ARG A 124 18.16 -3.58 -20.97
CA ARG A 124 18.05 -2.15 -20.64
C ARG A 124 16.69 -1.87 -19.96
N PRO A 125 16.45 -2.52 -18.82
CA PRO A 125 15.20 -2.27 -18.10
C PRO A 125 15.13 -0.82 -17.65
N VAL A 126 13.92 -0.29 -17.47
CA VAL A 126 13.78 1.05 -16.91
C VAL A 126 14.37 1.04 -15.50
N LYS A 127 15.24 2.00 -15.22
CA LYS A 127 15.84 2.08 -13.90
C LYS A 127 15.68 3.46 -13.26
N LEU A 128 15.16 4.42 -14.03
CA LEU A 128 14.94 5.78 -13.50
C LEU A 128 13.66 6.37 -14.06
N LEU A 129 12.79 6.86 -13.18
CA LEU A 129 11.59 7.58 -13.58
C LEU A 129 11.70 8.96 -12.95
N ILE A 130 11.70 9.99 -13.80
CA ILE A 130 11.80 11.38 -13.35
C ILE A 130 10.43 12.04 -13.45
N VAL A 131 10.06 12.78 -12.40
CA VAL A 131 8.89 13.67 -12.47
C VAL A 131 9.37 15.06 -12.09
N ASP A 132 9.36 15.96 -13.07
CA ASP A 132 9.91 17.29 -12.94
C ASP A 132 8.87 18.19 -13.59
N SER A 133 8.00 18.87 -12.83
CA SER A 133 8.02 18.99 -11.36
C SER A 133 6.90 18.15 -10.73
N LEU A 134 7.15 17.61 -9.54
CA LEU A 134 6.13 16.78 -8.89
C LEU A 134 4.90 17.61 -8.58
N THR A 135 5.10 18.88 -8.22
CA THR A 135 4.03 19.63 -7.56
C THR A 135 3.50 20.84 -8.33
N SER A 136 4.17 21.22 -9.42
CA SER A 136 3.82 22.48 -10.09
C SER A 136 2.35 22.59 -10.54
N HIS A 137 1.82 21.53 -11.14
CA HIS A 137 0.41 21.52 -11.56
C HIS A 137 -0.53 21.51 -10.35
N PHE A 138 -0.15 20.79 -9.29
CA PHE A 138 -0.98 20.69 -8.10
C PHE A 138 -1.07 22.06 -7.43
N ARG A 139 0.05 22.79 -7.44
CA ARG A 139 0.08 24.15 -6.91
C ARG A 139 -0.85 25.07 -7.67
N SER A 140 -0.78 25.04 -8.99
CA SER A 140 -1.54 26.00 -9.78
C SER A 140 -3.05 25.69 -9.84
N GLU A 141 -3.41 24.42 -9.70
CA GLU A 141 -4.80 24.01 -9.94
C GLU A 141 -5.68 24.04 -8.68
N TYR A 142 -5.10 23.69 -7.55
CA TYR A 142 -5.85 23.56 -6.31
C TYR A 142 -5.76 24.81 -5.46
N ILE A 143 -6.63 25.77 -5.77
CA ILE A 143 -6.58 27.10 -5.18
C ILE A 143 -7.98 27.49 -4.71
N GLY A 144 -8.09 27.96 -3.47
CA GLY A 144 -9.39 28.37 -2.94
C GLY A 144 -9.92 27.51 -1.81
N ARG A 145 -10.98 27.97 -1.17
CA ARG A 145 -11.57 27.27 -0.02
C ARG A 145 -11.94 25.83 -0.37
N GLY A 146 -11.42 24.89 0.41
CA GLY A 146 -11.71 23.49 0.18
C GLY A 146 -10.68 22.77 -0.69
N ALA A 147 -9.80 23.53 -1.34
CA ALA A 147 -8.87 22.93 -2.31
C ALA A 147 -7.76 22.11 -1.67
N LEU A 148 -7.32 22.53 -0.49
CA LEU A 148 -6.17 21.91 0.17
C LEU A 148 -6.35 20.41 0.44
N ALA A 149 -7.49 20.05 1.02
CA ALA A 149 -7.77 18.65 1.32
C ALA A 149 -7.75 17.80 0.05
N GLU A 150 -8.26 18.36 -1.04
CA GLU A 150 -8.36 17.63 -2.30
C GLU A 150 -6.99 17.51 -2.97
N ARG A 151 -6.24 18.60 -2.94
N ARG A 151 -6.23 18.60 -2.96
CA ARG A 151 -4.87 18.64 -3.49
CA ARG A 151 -4.88 18.60 -3.50
C ARG A 151 -3.99 17.60 -2.80
C ARG A 151 -4.07 17.51 -2.80
N GLN A 152 -4.13 17.50 -1.48
CA GLN A 152 -3.35 16.58 -0.69
C GLN A 152 -3.73 15.12 -0.89
N GLN A 153 -5.01 14.86 -1.12
CA GLN A 153 -5.48 13.50 -1.36
C GLN A 153 -4.95 13.01 -2.70
N LYS A 154 -5.04 13.87 -3.71
CA LYS A 154 -4.58 13.53 -5.06
C LYS A 154 -3.06 13.31 -5.08
N LEU A 155 -2.32 14.18 -4.40
CA LEU A 155 -0.88 14.08 -4.36
C LEU A 155 -0.47 12.80 -3.64
N ALA A 156 -1.17 12.46 -2.55
CA ALA A 156 -0.89 11.23 -1.81
C ALA A 156 -1.05 10.00 -2.69
N LYS A 157 -2.11 10.00 -3.49
CA LYS A 157 -2.40 8.90 -4.39
C LYS A 157 -1.30 8.81 -5.45
N HIS A 158 -0.88 9.96 -5.96
CA HIS A 158 0.18 10.03 -6.97
C HIS A 158 1.48 9.46 -6.42
N LEU A 159 1.86 9.91 -5.22
CA LEU A 159 3.08 9.41 -4.60
C LEU A 159 2.99 7.90 -4.32
N ALA A 160 1.81 7.43 -3.92
CA ALA A 160 1.63 5.99 -3.72
C ALA A 160 1.85 5.21 -5.02
N ASP A 161 1.34 5.74 -6.12
CA ASP A 161 1.52 5.10 -7.43
C ASP A 161 3.00 5.03 -7.76
N LEU A 162 3.73 6.11 -7.47
CA LEU A 162 5.17 6.16 -7.77
C LEU A 162 5.96 5.18 -6.90
N HIS A 163 5.62 5.12 -5.62
CA HIS A 163 6.28 4.19 -4.71
C HIS A 163 6.10 2.76 -5.20
N ARG A 164 4.89 2.46 -5.69
CA ARG A 164 4.60 1.10 -6.15
C ARG A 164 5.51 0.73 -7.33
N LEU A 165 5.65 1.62 -8.30
CA LEU A 165 6.54 1.36 -9.45
C LEU A 165 7.98 1.18 -8.97
N ALA A 166 8.43 2.06 -8.08
CA ALA A 166 9.78 1.98 -7.57
C ALA A 166 10.06 0.62 -6.94
N ASN A 167 9.12 0.18 -6.09
CA ASN A 167 9.30 -1.04 -5.31
C ASN A 167 9.06 -2.31 -6.12
N LEU A 168 8.02 -2.31 -6.94
CA LEU A 168 7.63 -3.51 -7.68
C LEU A 168 8.65 -3.82 -8.79
N TYR A 169 9.20 -2.77 -9.39
CA TYR A 169 10.04 -2.95 -10.58
C TYR A 169 11.51 -2.55 -10.40
N ASP A 170 11.89 -2.24 -9.16
CA ASP A 170 13.27 -1.92 -8.81
C ASP A 170 13.79 -0.72 -9.62
N ILE A 171 13.10 0.40 -9.46
CA ILE A 171 13.38 1.63 -10.20
C ILE A 171 13.68 2.74 -9.21
N ALA A 172 14.60 3.63 -9.57
CA ALA A 172 14.80 4.85 -8.80
C ALA A 172 13.83 5.92 -9.30
N VAL A 173 13.01 6.46 -8.41
CA VAL A 173 12.14 7.56 -8.78
C VAL A 173 12.76 8.87 -8.28
N PHE A 174 12.90 9.84 -9.18
CA PHE A 174 13.56 11.09 -8.82
C PHE A 174 12.61 12.23 -9.15
N VAL A 175 12.27 13.04 -8.15
CA VAL A 175 11.26 14.07 -8.38
C VAL A 175 11.76 15.42 -7.90
N THR A 176 11.26 16.48 -8.53
CA THR A 176 11.66 17.83 -8.11
C THR A 176 10.46 18.59 -7.51
N ASN A 177 10.77 19.53 -6.62
CA ASN A 177 9.75 20.27 -5.89
C ASN A 177 10.27 21.68 -5.65
N GLN A 178 9.63 22.68 -6.26
CA GLN A 178 10.08 24.06 -6.15
C GLN A 178 9.58 24.72 -4.88
N VAL A 179 10.50 25.36 -4.15
CA VAL A 179 10.10 26.09 -2.95
C VAL A 179 10.52 27.55 -3.06
N ALA A 191 8.23 11.07 -0.69
CA ALA A 191 9.68 11.05 -0.61
C ALA A 191 10.15 10.03 0.43
N THR A 192 10.96 9.07 0.01
CA THR A 192 11.72 8.29 0.99
C THR A 192 12.98 9.07 1.38
N LEU A 193 13.37 10.04 0.56
CA LEU A 193 14.56 10.83 0.85
C LEU A 193 14.45 12.25 0.32
N ARG A 194 14.56 13.23 1.22
N ARG A 194 14.56 13.23 1.22
CA ARG A 194 14.45 14.63 0.84
CA ARG A 194 14.44 14.63 0.83
C ARG A 194 15.80 15.33 0.85
C ARG A 194 15.79 15.35 0.86
N VAL A 195 16.09 16.02 -0.25
CA VAL A 195 17.35 16.72 -0.39
C VAL A 195 17.05 18.18 -0.67
N TYR A 196 17.64 19.07 0.12
CA TYR A 196 17.48 20.50 -0.08
C TYR A 196 18.66 21.02 -0.88
N LEU A 197 18.39 21.69 -1.99
CA LEU A 197 19.43 22.20 -2.88
C LEU A 197 19.35 23.73 -2.95
N ARG A 198 20.50 24.39 -2.96
N ARG A 198 20.50 24.39 -2.93
CA ARG A 198 20.53 25.85 -3.04
CA ARG A 198 20.54 25.84 -3.09
C ARG A 198 21.79 26.35 -3.77
C ARG A 198 21.74 26.26 -3.93
N LYS A 199 21.65 27.45 -4.49
CA LYS A 199 22.78 28.03 -5.21
C LYS A 199 23.56 28.91 -4.25
N GLY A 200 24.88 28.79 -4.26
CA GLY A 200 25.73 29.58 -3.39
C GLY A 200 26.73 30.41 -4.18
N LYS A 201 27.77 30.87 -3.48
CA LYS A 201 28.80 31.71 -4.07
C LYS A 201 29.49 31.03 -5.24
N GLY A 202 29.85 31.81 -6.27
CA GLY A 202 30.58 31.29 -7.40
C GLY A 202 29.78 30.29 -8.22
N GLY A 203 28.47 30.33 -8.06
CA GLY A 203 27.59 29.42 -8.79
C GLY A 203 27.65 28.00 -8.26
N LYS A 204 28.33 27.78 -7.14
CA LYS A 204 28.39 26.44 -6.58
C LYS A 204 27.00 26.04 -6.08
N ARG A 205 26.68 24.76 -6.17
CA ARG A 205 25.43 24.26 -5.60
C ARG A 205 25.74 23.48 -4.32
N ILE A 206 24.87 23.65 -3.32
CA ILE A 206 25.06 23.01 -2.03
C ILE A 206 23.85 22.15 -1.72
N ALA A 207 24.09 20.91 -1.33
CA ALA A 207 22.99 19.99 -1.01
C ALA A 207 23.06 19.48 0.43
N ARG A 208 21.91 19.43 1.08
CA ARG A 208 21.80 18.91 2.44
C ARG A 208 20.63 17.94 2.52
N LEU A 209 20.78 16.89 3.32
CA LEU A 209 19.67 15.95 3.57
C LEU A 209 18.73 16.49 4.64
N ILE A 210 17.43 16.23 4.48
CA ILE A 210 16.45 16.72 5.44
C ILE A 210 15.86 15.59 6.27
N ASP A 211 15.82 15.79 7.59
CA ASP A 211 15.28 14.80 8.52
C ASP A 211 15.90 13.42 8.33
N GLY A 218 26.40 16.51 7.10
CA GLY A 218 27.27 17.35 6.29
C GLY A 218 26.52 17.96 5.13
N GLU A 219 27.26 18.64 4.24
CA GLU A 219 26.68 19.16 3.01
C GLU A 219 27.60 18.82 1.85
N ALA A 220 27.01 18.48 0.71
CA ALA A 220 27.75 18.22 -0.51
C ALA A 220 27.80 19.51 -1.32
N VAL A 221 28.86 19.66 -2.11
CA VAL A 221 29.00 20.82 -2.96
C VAL A 221 29.41 20.39 -4.36
N PHE A 222 28.85 21.03 -5.37
CA PHE A 222 29.18 20.68 -6.75
C PHE A 222 28.98 21.85 -7.70
N SER A 223 29.45 21.68 -8.93
CA SER A 223 29.28 22.69 -9.97
C SER A 223 28.47 22.12 -11.12
N ILE A 224 27.83 23.00 -11.90
N ILE A 224 27.79 22.99 -11.86
CA ILE A 224 27.09 22.59 -13.09
CA ILE A 224 27.12 22.61 -13.08
C ILE A 224 27.92 22.83 -14.35
C ILE A 224 28.12 22.80 -14.21
N THR A 225 28.37 21.74 -14.97
CA THR A 225 29.34 21.81 -16.06
C THR A 225 28.88 21.02 -17.29
N GLU A 226 29.73 20.96 -18.31
CA GLU A 226 29.41 20.21 -19.51
C GLU A 226 29.30 18.70 -19.24
N LYS A 227 29.73 18.28 -18.06
CA LYS A 227 29.57 16.88 -17.66
C LYS A 227 28.32 16.67 -16.80
N GLY A 228 27.42 17.64 -16.82
CA GLY A 228 26.24 17.60 -15.96
C GLY A 228 26.55 18.31 -14.66
N ILE A 229 26.87 17.54 -13.63
CA ILE A 229 27.43 18.08 -12.40
C ILE A 229 28.71 17.35 -12.03
N GLU A 230 29.63 18.05 -11.36
CA GLU A 230 30.82 17.43 -10.79
C GLU A 230 31.34 18.25 -9.62
N ASP A 231 32.24 17.68 -8.83
CA ASP A 231 32.75 18.33 -7.63
C ASP A 231 33.37 19.71 -7.90
N ALA B 2 -15.72 -32.32 18.01
CA ALA B 2 -16.66 -31.35 18.58
C ALA B 2 -17.58 -30.81 17.49
N THR B 3 -18.86 -30.68 17.79
N THR B 3 -18.85 -30.70 17.82
CA THR B 3 -19.80 -30.20 16.79
CA THR B 3 -19.84 -30.16 16.90
C THR B 3 -19.49 -28.74 16.41
C THR B 3 -19.43 -28.75 16.52
N ILE B 4 -19.72 -28.40 15.16
N ILE B 4 -19.65 -28.37 15.27
CA ILE B 4 -19.50 -27.05 14.67
CA ILE B 4 -19.33 -27.02 14.85
C ILE B 4 -20.54 -26.11 15.26
C ILE B 4 -20.50 -26.09 15.15
N GLY B 5 -20.16 -24.86 15.52
CA GLY B 5 -21.14 -23.84 15.86
C GLY B 5 -21.32 -22.92 14.66
N ARG B 6 -22.45 -22.22 14.60
N ARG B 6 -22.46 -22.26 14.60
CA ARG B 6 -22.76 -21.33 13.48
CA ARG B 6 -22.74 -21.31 13.54
C ARG B 6 -23.27 -19.96 13.92
C ARG B 6 -23.08 -19.95 14.12
N ILE B 7 -22.59 -18.90 13.48
CA ILE B 7 -22.92 -17.54 13.87
C ILE B 7 -23.71 -16.87 12.77
N SER B 8 -24.89 -16.39 13.09
CA SER B 8 -25.69 -15.63 12.14
C SER B 8 -25.01 -14.31 11.77
N THR B 9 -25.14 -13.92 10.51
CA THR B 9 -24.54 -12.69 10.02
C THR B 9 -25.49 -11.52 10.18
N GLY B 10 -26.76 -11.81 10.50
CA GLY B 10 -27.78 -10.77 10.55
C GLY B 10 -28.66 -10.78 9.30
N SER B 11 -28.13 -11.31 8.20
CA SER B 11 -28.91 -11.46 6.97
C SER B 11 -29.35 -12.90 6.79
N LYS B 12 -30.65 -13.13 6.69
CA LYS B 12 -31.17 -14.47 6.45
C LYS B 12 -30.69 -14.99 5.11
N SER B 13 -30.61 -14.10 4.13
CA SER B 13 -30.13 -14.46 2.80
C SER B 13 -28.69 -14.97 2.88
N LEU B 14 -27.82 -14.18 3.49
CA LEU B 14 -26.43 -14.58 3.62
C LEU B 14 -26.29 -15.82 4.52
N ASP B 15 -27.08 -15.90 5.59
CA ASP B 15 -27.06 -17.11 6.40
C ASP B 15 -27.38 -18.37 5.60
N LYS B 16 -28.39 -18.30 4.73
CA LYS B 16 -28.77 -19.48 3.95
C LYS B 16 -27.64 -19.86 3.02
N LEU B 17 -27.03 -18.87 2.39
CA LEU B 17 -25.89 -19.14 1.51
C LEU B 17 -24.79 -19.87 2.27
N LEU B 18 -24.57 -19.48 3.53
CA LEU B 18 -23.52 -20.05 4.36
C LEU B 18 -23.89 -21.36 5.05
N GLY B 19 -25.09 -21.85 4.79
CA GLY B 19 -25.53 -23.09 5.42
C GLY B 19 -25.92 -22.92 6.88
N GLY B 20 -26.25 -21.69 7.26
CA GLY B 20 -26.74 -21.42 8.60
C GLY B 20 -26.01 -20.30 9.31
N GLY B 21 -24.83 -19.95 8.81
CA GLY B 21 -24.02 -18.91 9.41
C GLY B 21 -22.54 -19.24 9.25
N ILE B 22 -21.66 -18.36 9.71
N ILE B 22 -21.70 -18.36 9.75
CA ILE B 22 -20.24 -18.67 9.63
CA ILE B 22 -20.26 -18.58 9.79
C ILE B 22 -19.85 -19.67 10.70
C ILE B 22 -19.94 -19.75 10.71
N GLU B 23 -19.02 -20.61 10.30
CA GLU B 23 -18.70 -21.79 11.10
C GLU B 23 -17.52 -21.64 12.04
N THR B 24 -17.64 -22.22 13.24
CA THR B 24 -16.45 -22.42 14.05
C THR B 24 -15.60 -23.54 13.42
N GLN B 25 -14.35 -23.66 13.88
CA GLN B 25 -13.40 -24.65 13.34
C GLN B 25 -13.16 -24.40 11.86
N ALA B 26 -13.28 -23.14 11.46
CA ALA B 26 -13.06 -22.77 10.05
C ALA B 26 -12.58 -21.33 9.93
N ILE B 27 -11.85 -21.06 8.86
CA ILE B 27 -11.56 -19.69 8.47
C ILE B 27 -12.44 -19.31 7.29
N THR B 28 -13.25 -18.26 7.50
N THR B 28 -13.25 -18.28 7.47
CA THR B 28 -14.06 -17.67 6.44
CA THR B 28 -14.06 -17.74 6.37
C THR B 28 -13.43 -16.38 5.98
C THR B 28 -13.52 -16.38 5.94
N GLU B 29 -13.10 -16.32 4.69
CA GLU B 29 -12.50 -15.13 4.12
C GLU B 29 -13.50 -14.44 3.21
N VAL B 30 -13.75 -13.15 3.47
N VAL B 30 -13.77 -13.16 3.50
CA VAL B 30 -14.60 -12.36 2.59
CA VAL B 30 -14.57 -12.33 2.61
C VAL B 30 -13.73 -11.35 1.84
C VAL B 30 -13.61 -11.45 1.82
N PHE B 31 -13.80 -11.39 0.51
CA PHE B 31 -12.94 -10.56 -0.31
C PHE B 31 -13.78 -9.75 -1.27
N GLY B 32 -13.28 -8.59 -1.63
CA GLY B 32 -14.01 -7.71 -2.54
C GLY B 32 -13.32 -6.37 -2.59
N GLU B 33 -13.78 -5.50 -3.47
CA GLU B 33 -13.14 -4.21 -3.65
C GLU B 33 -13.36 -3.32 -2.45
N PHE B 34 -12.55 -2.27 -2.36
CA PHE B 34 -12.74 -1.23 -1.36
C PHE B 34 -14.20 -0.76 -1.36
N GLY B 35 -14.79 -0.65 -0.18
CA GLY B 35 -16.14 -0.14 -0.06
C GLY B 35 -17.26 -1.15 -0.19
N SER B 36 -16.91 -2.43 -0.35
N SER B 36 -16.92 -2.42 -0.39
CA SER B 36 -17.89 -3.48 -0.62
CA SER B 36 -17.94 -3.45 -0.61
C SER B 36 -18.63 -3.97 0.63
C SER B 36 -18.76 -3.78 0.62
N GLY B 37 -18.21 -3.52 1.81
CA GLY B 37 -18.91 -3.82 3.06
C GLY B 37 -18.28 -4.91 3.92
N LYS B 38 -17.04 -5.27 3.63
CA LYS B 38 -16.36 -6.34 4.37
C LYS B 38 -16.25 -5.99 5.87
N THR B 39 -15.85 -4.77 6.16
CA THR B 39 -15.68 -4.35 7.56
C THR B 39 -17.05 -4.22 8.26
N GLN B 40 -18.10 -3.87 7.50
CA GLN B 40 -19.44 -3.82 8.11
C GLN B 40 -19.90 -5.22 8.54
N LEU B 41 -19.57 -6.21 7.73
CA LEU B 41 -19.91 -7.59 8.08
C LEU B 41 -19.15 -8.01 9.35
N ALA B 42 -17.87 -7.62 9.44
CA ALA B 42 -17.07 -7.95 10.61
C ALA B 42 -17.66 -7.32 11.87
N HIS B 43 -18.02 -6.04 11.79
CA HIS B 43 -18.66 -5.36 12.94
C HIS B 43 -19.95 -6.08 13.35
N THR B 44 -20.74 -6.49 12.36
CA THR B 44 -22.02 -7.15 12.67
C THR B 44 -21.76 -8.48 13.35
N LEU B 45 -20.84 -9.27 12.80
CA LEU B 45 -20.51 -10.55 13.42
C LEU B 45 -20.01 -10.43 14.85
N ALA B 46 -19.29 -9.36 15.15
CA ALA B 46 -18.72 -9.17 16.49
C ALA B 46 -19.84 -8.94 17.51
N VAL B 47 -21.00 -8.52 17.03
CA VAL B 47 -22.18 -8.37 17.89
C VAL B 47 -22.99 -9.66 17.89
N MET B 48 -23.28 -10.19 16.69
CA MET B 48 -24.12 -11.39 16.58
C MET B 48 -23.59 -12.55 17.44
N VAL B 49 -22.28 -12.73 17.48
CA VAL B 49 -21.71 -13.89 18.17
C VAL B 49 -22.02 -13.86 19.67
N GLN B 50 -22.27 -12.67 20.19
CA GLN B 50 -22.54 -12.49 21.62
C GLN B 50 -23.98 -12.85 22.03
N LEU B 51 -24.85 -13.01 21.05
CA LEU B 51 -26.23 -13.45 21.31
C LEU B 51 -26.28 -14.91 21.77
N PRO B 52 -27.37 -15.29 22.46
CA PRO B 52 -27.56 -16.71 22.79
C PRO B 52 -27.83 -17.53 21.51
N PRO B 53 -27.70 -18.86 21.58
CA PRO B 53 -27.80 -19.70 20.38
C PRO B 53 -29.17 -19.63 19.67
N GLU B 54 -30.24 -19.51 20.45
CA GLU B 54 -31.56 -19.41 19.84
C GLU B 54 -31.79 -18.08 19.11
N GLU B 55 -30.85 -17.16 19.22
CA GLU B 55 -30.92 -15.90 18.48
C GLU B 55 -29.81 -15.85 17.43
N GLY B 56 -29.09 -16.95 17.25
CA GLY B 56 -28.06 -17.04 16.20
C GLY B 56 -26.63 -16.82 16.65
N GLY B 57 -26.41 -16.70 17.95
CA GLY B 57 -25.07 -16.45 18.48
C GLY B 57 -24.48 -17.67 19.17
N LEU B 58 -23.35 -17.47 19.83
CA LEU B 58 -22.70 -18.53 20.61
C LEU B 58 -22.38 -18.11 22.05
N ASN B 59 -23.07 -17.08 22.54
CA ASN B 59 -22.73 -16.50 23.84
C ASN B 59 -21.24 -16.28 23.94
N GLY B 60 -20.63 -15.76 22.87
CA GLY B 60 -19.18 -15.74 22.82
C GLY B 60 -18.53 -14.39 22.98
N SER B 61 -17.23 -14.41 23.31
CA SER B 61 -16.38 -13.24 23.30
C SER B 61 -15.68 -13.12 21.95
N VAL B 62 -15.09 -11.97 21.71
CA VAL B 62 -14.47 -11.67 20.41
C VAL B 62 -13.04 -11.18 20.59
N MET B 63 -12.17 -11.53 19.66
CA MET B 63 -10.84 -10.93 19.56
C MET B 63 -10.72 -10.36 18.16
N TRP B 64 -10.19 -9.14 18.06
CA TRP B 64 -10.21 -8.39 16.81
C TRP B 64 -8.80 -7.86 16.55
N ILE B 65 -8.20 -8.28 15.43
CA ILE B 65 -6.92 -7.72 14.98
C ILE B 65 -7.19 -6.80 13.79
N ASP B 66 -6.85 -5.53 13.96
CA ASP B 66 -7.16 -4.43 13.04
C ASP B 66 -5.86 -3.93 12.43
N THR B 67 -5.73 -4.03 11.11
CA THR B 67 -4.51 -3.59 10.43
C THR B 67 -4.66 -2.23 9.74
N GLU B 68 -5.87 -1.68 9.69
CA GLU B 68 -6.17 -0.44 8.95
C GLU B 68 -6.87 0.65 9.77
N ASN B 69 -6.91 0.49 11.08
CA ASN B 69 -7.61 1.45 11.95
C ASN B 69 -9.04 1.68 11.50
N THR B 70 -9.74 0.59 11.19
CA THR B 70 -11.11 0.67 10.68
C THR B 70 -12.17 0.21 11.70
N PHE B 71 -11.72 -0.32 12.83
CA PHE B 71 -12.63 -0.68 13.92
C PHE B 71 -13.25 0.60 14.47
N ARG B 72 -14.57 0.58 14.66
CA ARG B 72 -15.31 1.73 15.18
C ARG B 72 -16.16 1.31 16.37
N PRO B 73 -15.69 1.60 17.59
CA PRO B 73 -16.44 1.24 18.82
C PRO B 73 -17.90 1.72 18.79
N GLU B 74 -18.18 2.88 18.22
CA GLU B 74 -19.56 3.39 18.21
C GLU B 74 -20.47 2.63 17.27
N ARG B 75 -19.88 2.06 16.22
CA ARG B 75 -20.64 1.22 15.30
C ARG B 75 -21.08 -0.05 16.01
N ILE B 76 -20.19 -0.61 16.83
CA ILE B 76 -20.51 -1.76 17.65
C ILE B 76 -21.67 -1.40 18.58
N ARG B 77 -21.56 -0.27 19.27
CA ARG B 77 -22.60 0.14 20.20
C ARG B 77 -23.93 0.32 19.48
N GLU B 78 -23.90 0.96 18.31
CA GLU B 78 -25.10 1.16 17.50
C GLU B 78 -25.77 -0.17 17.14
N ILE B 79 -25.01 -1.09 16.54
CA ILE B 79 -25.56 -2.38 16.18
C ILE B 79 -26.13 -3.14 17.38
N ALA B 80 -25.39 -3.15 18.48
CA ALA B 80 -25.81 -3.81 19.71
C ALA B 80 -27.15 -3.24 20.20
N GLN B 81 -27.21 -1.93 20.34
CA GLN B 81 -28.41 -1.26 20.86
C GLN B 81 -29.62 -1.56 19.98
N ASN B 82 -29.41 -1.59 18.66
CA ASN B 82 -30.51 -1.82 17.73
C ASN B 82 -30.97 -3.26 17.65
N ARG B 83 -30.21 -4.17 18.26
CA ARG B 83 -30.61 -5.58 18.34
C ARG B 83 -30.98 -5.97 19.77
N GLY B 84 -31.15 -4.98 20.65
CA GLY B 84 -31.65 -5.22 21.98
C GLY B 84 -30.60 -5.54 23.03
N LEU B 85 -29.33 -5.40 22.67
CA LEU B 85 -28.23 -5.71 23.60
C LEU B 85 -27.69 -4.44 24.25
N ASP B 86 -27.02 -4.59 25.39
CA ASP B 86 -26.42 -3.44 26.04
C ASP B 86 -25.12 -3.11 25.34
N PRO B 87 -25.05 -1.91 24.74
CA PRO B 87 -23.90 -1.52 23.91
C PRO B 87 -22.58 -1.59 24.66
N ASP B 88 -22.60 -1.30 25.95
CA ASP B 88 -21.35 -1.25 26.71
C ASP B 88 -20.86 -2.65 27.06
N GLU B 89 -21.80 -3.55 27.39
CA GLU B 89 -21.45 -4.94 27.64
C GLU B 89 -20.90 -5.60 26.38
N VAL B 90 -21.54 -5.35 25.26
CA VAL B 90 -21.07 -5.90 23.98
C VAL B 90 -19.66 -5.40 23.63
N LEU B 91 -19.43 -4.10 23.79
CA LEU B 91 -18.10 -3.53 23.50
C LEU B 91 -17.04 -4.15 24.40
N LYS B 92 -17.38 -4.34 25.68
CA LYS B 92 -16.46 -4.92 26.66
C LYS B 92 -15.96 -6.31 26.29
N HIS B 93 -16.77 -7.06 25.54
CA HIS B 93 -16.45 -8.44 25.21
C HIS B 93 -15.70 -8.54 23.87
N ILE B 94 -15.20 -7.41 23.39
CA ILE B 94 -14.31 -7.41 22.23
C ILE B 94 -12.91 -7.01 22.65
N ALA B 95 -11.97 -7.95 22.57
CA ALA B 95 -10.55 -7.69 22.86
C ALA B 95 -9.89 -7.17 21.59
N TYR B 96 -9.45 -5.91 21.62
CA TYR B 96 -9.02 -5.19 20.41
C TYR B 96 -7.51 -4.94 20.37
N ALA B 97 -6.92 -5.19 19.19
CA ALA B 97 -5.49 -4.93 18.99
C ALA B 97 -5.26 -4.40 17.58
N ARG B 98 -4.41 -3.38 17.46
N ARG B 98 -4.38 -3.40 17.46
CA ARG B 98 -4.00 -2.90 16.14
CA ARG B 98 -3.97 -2.89 16.17
C ARG B 98 -2.66 -3.52 15.80
C ARG B 98 -2.63 -3.50 15.79
N ALA B 99 -2.56 -4.11 14.61
CA ALA B 99 -1.30 -4.67 14.14
C ALA B 99 -0.46 -3.62 13.43
N PHE B 100 0.75 -3.40 13.93
CA PHE B 100 1.64 -2.37 13.43
C PHE B 100 2.21 -2.72 12.06
N ASN B 101 2.52 -4.00 11.88
CA ASN B 101 3.05 -4.52 10.62
C ASN B 101 2.74 -6.02 10.54
N SER B 102 3.17 -6.68 9.48
CA SER B 102 2.82 -8.09 9.30
C SER B 102 3.45 -9.01 10.35
N ASN B 103 4.64 -8.67 10.86
CA ASN B 103 5.28 -9.48 11.87
C ASN B 103 4.58 -9.36 13.21
N HIS B 104 4.15 -8.14 13.53
CA HIS B 104 3.37 -7.88 14.74
C HIS B 104 2.01 -8.58 14.64
N GLN B 105 1.40 -8.53 13.46
CA GLN B 105 0.17 -9.25 13.19
C GLN B 105 0.32 -10.73 13.50
N MET B 106 1.42 -11.34 13.06
CA MET B 106 1.65 -12.74 13.31
C MET B 106 1.83 -13.01 14.80
N LEU B 107 2.55 -12.12 15.50
CA LEU B 107 2.74 -12.31 16.94
C LEU B 107 1.41 -12.19 17.70
N LEU B 108 0.54 -11.30 17.25
CA LEU B 108 -0.75 -11.10 17.91
C LEU B 108 -1.60 -12.37 17.91
N VAL B 109 -1.49 -13.19 16.87
CA VAL B 109 -2.24 -14.45 16.84
C VAL B 109 -1.73 -15.39 17.93
N GLN B 110 -0.42 -15.38 18.18
CA GLN B 110 0.15 -16.15 19.28
C GLN B 110 -0.32 -15.65 20.63
N GLN B 111 -0.33 -14.33 20.80
CA GLN B 111 -0.85 -13.75 22.03
C GLN B 111 -2.32 -14.09 22.23
N ALA B 112 -3.09 -14.11 21.16
CA ALA B 112 -4.52 -14.37 21.26
C ALA B 112 -4.78 -15.68 22.01
N GLU B 113 -3.91 -16.67 21.79
CA GLU B 113 -4.10 -17.99 22.38
C GLU B 113 -4.13 -17.91 23.91
N ASP B 114 -3.39 -16.96 24.48
CA ASP B 114 -3.37 -16.83 25.93
C ASP B 114 -4.74 -16.47 26.50
N MET B 115 -5.39 -15.48 25.89
N MET B 115 -5.39 -15.47 25.91
CA MET B 115 -6.72 -15.06 26.34
CA MET B 115 -6.73 -15.08 26.34
C MET B 115 -7.80 -16.08 25.96
C MET B 115 -7.74 -16.17 26.02
N ILE B 116 -7.61 -16.78 24.85
CA ILE B 116 -8.52 -17.85 24.47
C ILE B 116 -8.52 -18.92 25.57
N LYS B 117 -7.33 -19.35 25.96
CA LYS B 117 -7.20 -20.36 27.03
C LYS B 117 -7.89 -19.91 28.30
N GLU B 118 -7.63 -18.66 28.67
CA GLU B 118 -8.19 -18.12 29.90
C GLU B 118 -9.71 -18.23 29.93
N LEU B 119 -10.35 -17.81 28.84
CA LEU B 119 -11.81 -17.70 28.80
C LEU B 119 -12.52 -18.99 28.43
N LEU B 120 -11.76 -20.03 28.10
CA LEU B 120 -12.27 -21.22 27.40
C LEU B 120 -13.41 -21.91 28.12
N ASN B 121 -13.24 -22.10 29.42
CA ASN B 121 -14.21 -22.88 30.17
C ASN B 121 -15.07 -21.99 31.07
N THR B 122 -15.12 -20.70 30.72
CA THR B 122 -16.03 -19.73 31.33
C THR B 122 -17.34 -19.63 30.55
N ASP B 123 -18.24 -18.76 31.01
CA ASP B 123 -19.56 -18.58 30.39
C ASP B 123 -19.53 -17.88 29.03
N ARG B 124 -18.40 -17.23 28.75
N ARG B 124 -18.43 -17.19 28.75
CA ARG B 124 -18.24 -16.41 27.55
CA ARG B 124 -18.32 -16.46 27.48
C ARG B 124 -16.90 -16.70 26.87
C ARG B 124 -16.96 -16.68 26.84
N PRO B 125 -16.72 -17.92 26.37
CA PRO B 125 -15.46 -18.25 25.73
C PRO B 125 -15.30 -17.45 24.45
N VAL B 126 -14.06 -17.25 24.02
CA VAL B 126 -13.84 -16.60 22.72
C VAL B 126 -14.46 -17.49 21.66
N LYS B 127 -15.31 -16.92 20.80
CA LYS B 127 -15.93 -17.73 19.74
C LYS B 127 -15.71 -17.13 18.36
N LEU B 128 -15.14 -15.93 18.33
CA LEU B 128 -14.88 -15.24 17.07
C LEU B 128 -13.56 -14.50 17.09
N LEU B 129 -12.71 -14.75 16.09
CA LEU B 129 -11.46 -14.03 15.94
C LEU B 129 -11.48 -13.39 14.56
N ILE B 130 -11.41 -12.06 14.53
CA ILE B 130 -11.47 -11.29 13.29
C ILE B 130 -10.08 -10.77 12.95
N VAL B 131 -9.65 -10.93 11.69
CA VAL B 131 -8.45 -10.24 11.19
C VAL B 131 -8.84 -9.38 10.00
N ASP B 132 -8.76 -8.06 10.18
CA ASP B 132 -9.24 -7.08 9.19
C ASP B 132 -8.15 -6.01 9.12
N SER B 133 -7.27 -6.03 8.13
CA SER B 133 -7.30 -6.88 6.93
C SER B 133 -6.25 -7.98 7.03
N LEU B 134 -6.56 -9.15 6.50
CA LEU B 134 -5.62 -10.26 6.56
C LEU B 134 -4.33 -9.96 5.79
N THR B 135 -4.48 -9.26 4.67
CA THR B 135 -3.40 -9.18 3.68
C THR B 135 -2.75 -7.82 3.48
N SER B 136 -3.34 -6.76 4.04
CA SER B 136 -2.87 -5.41 3.73
C SER B 136 -1.38 -5.17 4.03
N HIS B 137 -0.90 -5.64 5.18
CA HIS B 137 0.50 -5.46 5.56
C HIS B 137 1.42 -6.29 4.66
N PHE B 138 0.97 -7.49 4.34
CA PHE B 138 1.75 -8.38 3.51
C PHE B 138 1.91 -7.79 2.12
N ARG B 139 0.84 -7.14 1.63
CA ARG B 139 0.88 -6.49 0.33
C ARG B 139 1.84 -5.30 0.29
N SER B 140 1.92 -4.53 1.36
CA SER B 140 2.79 -3.36 1.36
C SER B 140 4.26 -3.73 1.61
N GLU B 141 4.50 -4.77 2.42
CA GLU B 141 5.86 -5.13 2.84
C GLU B 141 6.63 -6.03 1.89
N TYR B 142 5.93 -6.88 1.15
CA TYR B 142 6.57 -7.87 0.31
C TYR B 142 6.22 -7.52 -1.12
N ILE B 143 7.14 -6.85 -1.81
N ILE B 143 7.15 -6.85 -1.80
CA ILE B 143 6.88 -6.34 -3.15
CA ILE B 143 6.90 -6.37 -3.16
C ILE B 143 8.14 -6.33 -4.02
C ILE B 143 8.17 -6.56 -3.97
N GLY B 144 7.99 -6.75 -5.27
CA GLY B 144 9.13 -6.83 -6.18
C GLY B 144 9.56 -8.27 -6.44
N ARG B 145 10.61 -8.41 -7.25
CA ARG B 145 11.08 -9.70 -7.70
C ARG B 145 11.38 -10.61 -6.52
N GLY B 146 10.73 -11.78 -6.49
CA GLY B 146 10.97 -12.75 -5.44
C GLY B 146 10.01 -12.61 -4.27
N ALA B 147 9.23 -11.53 -4.26
CA ALA B 147 8.28 -11.29 -3.17
C ALA B 147 7.07 -12.22 -3.18
N LEU B 148 6.69 -12.71 -4.35
CA LEU B 148 5.51 -13.57 -4.42
C LEU B 148 5.69 -14.80 -3.53
N ALA B 149 6.79 -15.54 -3.74
CA ALA B 149 7.05 -16.75 -2.98
C ALA B 149 7.17 -16.49 -1.48
N GLU B 150 7.90 -15.44 -1.12
CA GLU B 150 8.13 -15.12 0.28
C GLU B 150 6.85 -14.66 0.97
N ARG B 151 6.05 -13.86 0.26
CA ARG B 151 4.79 -13.39 0.83
C ARG B 151 3.84 -14.54 1.04
N GLN B 152 3.77 -15.42 0.05
CA GLN B 152 2.85 -16.55 0.12
C GLN B 152 3.22 -17.52 1.25
N GLN B 153 4.52 -17.72 1.46
CA GLN B 153 4.97 -18.59 2.57
C GLN B 153 4.65 -18.00 3.93
N LYS B 154 4.84 -16.69 4.09
CA LYS B 154 4.53 -16.03 5.33
C LYS B 154 3.03 -16.06 5.59
N LEU B 155 2.24 -15.77 4.56
CA LEU B 155 0.78 -15.81 4.71
C LEU B 155 0.28 -17.21 5.02
N ALA B 156 0.85 -18.21 4.36
CA ALA B 156 0.53 -19.60 4.63
C ALA B 156 0.73 -19.96 6.11
N LYS B 157 1.83 -19.51 6.68
CA LYS B 157 2.15 -19.79 8.07
C LYS B 157 1.17 -19.09 9.01
N HIS B 158 0.84 -17.84 8.68
CA HIS B 158 -0.13 -17.04 9.45
C HIS B 158 -1.49 -17.75 9.44
N LEU B 159 -1.90 -18.22 8.27
CA LEU B 159 -3.20 -18.90 8.15
C LEU B 159 -3.20 -20.24 8.89
N ALA B 160 -2.05 -20.93 8.87
CA ALA B 160 -1.89 -22.16 9.62
C ALA B 160 -2.08 -21.90 11.12
N ASP B 161 -1.47 -20.83 11.63
CA ASP B 161 -1.66 -20.44 13.04
C ASP B 161 -3.13 -20.20 13.32
N LEU B 162 -3.81 -19.52 12.39
CA LEU B 162 -5.22 -19.23 12.58
C LEU B 162 -6.09 -20.50 12.55
N HIS B 163 -5.79 -21.39 11.62
CA HIS B 163 -6.50 -22.67 11.51
C HIS B 163 -6.36 -23.46 12.79
N ARG B 164 -5.17 -23.44 13.38
CA ARG B 164 -4.95 -24.18 14.62
C ARG B 164 -5.84 -23.65 15.74
N LEU B 165 -5.88 -22.34 15.92
CA LEU B 165 -6.76 -21.77 16.94
C LEU B 165 -8.22 -22.14 16.69
N ALA B 166 -8.66 -22.06 15.44
CA ALA B 166 -10.07 -22.36 15.12
C ALA B 166 -10.42 -23.79 15.50
N ASN B 167 -9.55 -24.73 15.14
CA ASN B 167 -9.81 -26.13 15.38
C ASN B 167 -9.59 -26.54 16.85
N LEU B 168 -8.55 -26.01 17.46
CA LEU B 168 -8.16 -26.43 18.80
C LEU B 168 -9.17 -25.93 19.82
N TYR B 169 -9.70 -24.73 19.59
CA TYR B 169 -10.51 -24.06 20.60
C TYR B 169 -11.96 -23.79 20.15
N ASP B 170 -12.33 -24.34 19.01
CA ASP B 170 -13.69 -24.26 18.49
C ASP B 170 -14.14 -22.81 18.31
N ILE B 171 -13.39 -22.09 17.48
N ILE B 171 -13.39 -22.06 17.52
CA ILE B 171 -13.59 -20.67 17.22
CA ILE B 171 -13.76 -20.68 17.26
C ILE B 171 -13.85 -20.46 15.73
C ILE B 171 -13.83 -20.42 15.76
N ALA B 172 -14.68 -19.47 15.39
CA ALA B 172 -14.83 -19.06 14.00
C ALA B 172 -13.80 -17.97 13.75
N VAL B 173 -12.95 -18.16 12.74
CA VAL B 173 -12.04 -17.12 12.32
C VAL B 173 -12.63 -16.42 11.09
N PHE B 174 -12.67 -15.10 11.13
CA PHE B 174 -13.25 -14.31 10.04
C PHE B 174 -12.24 -13.28 9.59
N VAL B 175 -11.86 -13.34 8.30
CA VAL B 175 -10.83 -12.46 7.77
C VAL B 175 -11.32 -11.73 6.52
N THR B 176 -10.79 -10.53 6.30
CA THR B 176 -11.11 -9.72 5.13
C THR B 176 -9.91 -9.57 4.21
N ASN B 177 -10.18 -9.39 2.91
CA ASN B 177 -9.13 -9.33 1.89
C ASN B 177 -9.60 -8.40 0.78
N GLN B 178 -8.90 -7.30 0.59
CA GLN B 178 -9.24 -6.35 -0.47
C GLN B 178 -8.74 -6.80 -1.85
N VAL B 179 -9.64 -6.87 -2.83
CA VAL B 179 -9.24 -7.30 -4.15
C VAL B 179 -9.85 -6.38 -5.19
N SER B 190 -6.46 -21.02 0.90
CA SER B 190 -5.96 -21.37 2.22
C SER B 190 -7.09 -21.28 3.25
N ALA B 191 -7.99 -20.33 3.05
CA ALA B 191 -9.17 -20.20 3.91
C ALA B 191 -10.04 -21.41 3.70
N THR B 192 -10.88 -21.77 4.65
CA THR B 192 -11.74 -22.93 4.39
C THR B 192 -12.95 -22.55 3.54
N LEU B 193 -13.35 -21.28 3.60
CA LEU B 193 -14.46 -20.80 2.79
C LEU B 193 -14.19 -19.39 2.27
N ARG B 194 -14.35 -19.19 0.97
N ARG B 194 -14.32 -19.18 0.96
CA ARG B 194 -14.12 -17.87 0.37
CA ARG B 194 -14.12 -17.85 0.40
C ARG B 194 -15.44 -17.27 -0.13
C ARG B 194 -15.45 -17.28 -0.10
N VAL B 195 -15.72 -16.05 0.31
CA VAL B 195 -16.95 -15.36 -0.04
C VAL B 195 -16.62 -14.05 -0.77
N TYR B 196 -17.10 -13.94 -2.01
CA TYR B 196 -16.90 -12.73 -2.80
C TYR B 196 -18.05 -11.76 -2.54
N LEU B 197 -17.72 -10.54 -2.09
CA LEU B 197 -18.72 -9.50 -1.78
C LEU B 197 -18.54 -8.32 -2.75
N ARG B 198 -19.65 -7.78 -3.24
N ARG B 198 -19.65 -7.78 -3.26
CA ARG B 198 -19.60 -6.62 -4.14
CA ARG B 198 -19.59 -6.59 -4.09
C ARG B 198 -20.80 -5.70 -3.90
C ARG B 198 -20.78 -5.68 -3.81
N LYS B 199 -20.63 -4.42 -4.19
CA LYS B 199 -21.69 -3.43 -4.04
C LYS B 199 -22.44 -3.37 -5.35
N GLY B 200 -23.77 -3.49 -5.29
CA GLY B 200 -24.59 -3.42 -6.49
C GLY B 200 -25.49 -2.19 -6.52
N LYS B 201 -26.52 -2.25 -7.34
CA LYS B 201 -27.47 -1.16 -7.46
C LYS B 201 -28.27 -0.97 -6.18
N GLY B 202 -28.70 0.27 -5.93
CA GLY B 202 -29.61 0.57 -4.84
C GLY B 202 -29.05 0.36 -3.43
N GLY B 203 -27.74 0.49 -3.29
CA GLY B 203 -27.09 0.29 -2.02
C GLY B 203 -26.99 -1.17 -1.59
N LYS B 204 -27.44 -2.07 -2.46
CA LYS B 204 -27.43 -3.50 -2.11
C LYS B 204 -26.03 -4.09 -2.12
N ARG B 205 -25.80 -5.06 -1.23
CA ARG B 205 -24.56 -5.82 -1.27
C ARG B 205 -24.89 -7.26 -1.70
N ILE B 206 -24.04 -7.82 -2.55
CA ILE B 206 -24.25 -9.14 -3.13
C ILE B 206 -23.09 -10.07 -2.79
N ALA B 207 -23.41 -11.27 -2.30
CA ALA B 207 -22.41 -12.23 -1.84
C ALA B 207 -22.51 -13.53 -2.64
N ARG B 208 -21.36 -14.08 -3.03
CA ARG B 208 -21.32 -15.34 -3.75
C ARG B 208 -20.19 -16.21 -3.19
N LEU B 209 -20.44 -17.52 -3.06
CA LEU B 209 -19.40 -18.47 -2.63
C LEU B 209 -18.47 -18.79 -3.79
N ILE B 210 -17.17 -18.82 -3.50
CA ILE B 210 -16.17 -19.10 -4.52
C ILE B 210 -15.58 -20.49 -4.37
N ASP B 211 -15.57 -21.23 -5.47
CA ASP B 211 -15.03 -22.59 -5.51
C ASP B 211 -15.66 -23.49 -4.45
N GLU B 217 -25.46 -22.98 -4.40
CA GLU B 217 -25.56 -22.25 -5.65
C GLU B 217 -26.52 -21.07 -5.54
N GLY B 218 -26.04 -19.90 -5.91
CA GLY B 218 -26.84 -18.70 -5.85
C GLY B 218 -26.08 -17.56 -5.22
N GLU B 219 -26.79 -16.46 -5.00
CA GLU B 219 -26.18 -15.27 -4.41
C GLU B 219 -27.08 -14.74 -3.33
N ALA B 220 -26.47 -14.25 -2.26
CA ALA B 220 -27.19 -13.58 -1.19
C ALA B 220 -27.18 -12.10 -1.44
N VAL B 221 -28.22 -11.40 -0.98
CA VAL B 221 -28.32 -9.97 -1.15
C VAL B 221 -28.76 -9.37 0.18
N PHE B 222 -28.11 -8.28 0.58
CA PHE B 222 -28.45 -7.64 1.84
C PHE B 222 -28.12 -6.15 1.84
N SER B 223 -28.56 -5.46 2.88
CA SER B 223 -28.30 -4.04 3.03
C SER B 223 -27.50 -3.76 4.30
N ILE B 224 -26.85 -2.60 4.34
CA ILE B 224 -26.14 -2.15 5.54
C ILE B 224 -27.02 -1.15 6.25
N THR B 225 -27.38 -1.44 7.49
CA THR B 225 -28.37 -0.64 8.22
C THR B 225 -27.91 -0.36 9.64
N GLU B 226 -28.80 0.22 10.44
CA GLU B 226 -28.46 0.52 11.82
C GLU B 226 -28.32 -0.76 12.66
N LYS B 227 -28.78 -1.88 12.12
CA LYS B 227 -28.63 -3.18 12.77
C LYS B 227 -27.41 -3.91 12.27
N GLY B 228 -26.57 -3.22 11.49
CA GLY B 228 -25.39 -3.83 10.90
C GLY B 228 -25.67 -4.21 9.47
N ILE B 229 -25.90 -5.49 9.21
CA ILE B 229 -26.48 -5.89 7.94
C ILE B 229 -27.78 -6.64 8.18
N GLU B 230 -28.69 -6.55 7.20
CA GLU B 230 -29.93 -7.31 7.21
C GLU B 230 -30.48 -7.42 5.80
N ASP B 231 -31.37 -8.38 5.59
CA ASP B 231 -31.97 -8.58 4.27
C ASP B 231 -32.51 -7.27 3.70
P PO4 C . 15.80 24.59 -10.93
O1 PO4 C . 15.26 23.44 -11.77
O2 PO4 C . 16.00 24.14 -9.51
O3 PO4 C . 14.81 25.72 -11.03
O4 PO4 C . 17.11 25.06 -11.53
C5 5MI D . 5.95 7.39 -22.88
C6 5MI D . 4.78 6.72 -22.53
C7 5MI D . 4.31 6.78 -21.22
C8 5MI D . 4.99 7.53 -20.28
N1 5MI D . 4.77 7.76 -18.99
C4 5MI D . 6.62 8.14 -21.93
C9 5MI D . 6.15 8.21 -20.62
C3 5MI D . 6.58 8.83 -19.53
C2 5MI D . 5.75 8.55 -18.53
CAJ 5MI D . 6.46 7.33 -24.31
C5 5MI E . 1.40 20.20 -22.60
C6 5MI E . 1.15 20.68 -23.88
C7 5MI E . 0.94 19.79 -24.93
C8 5MI E . 0.99 18.42 -24.70
N1 5MI E . 0.85 17.36 -25.49
C4 5MI E . 1.44 18.83 -22.37
C9 5MI E . 1.24 17.95 -23.41
C3 5MI E . 1.24 16.62 -23.49
C2 5MI E . 0.99 16.26 -24.75
CAJ 5MI E . 1.62 21.19 -21.45
P PO4 F . -14.78 -2.60 2.81
O1 PO4 F . -14.35 -3.02 4.21
O2 PO4 F . -15.05 -3.82 1.98
O3 PO4 F . -13.69 -1.77 2.17
O4 PO4 F . -16.07 -1.81 2.94
C5 5MI G . -5.58 -8.26 23.15
C6 5MI G . -4.49 -9.09 23.39
C7 5MI G . -4.04 -9.97 22.40
C8 5MI G . -4.70 -10.01 21.18
N1 5MI G . -4.50 -10.73 20.07
C4 5MI G . -6.24 -8.31 21.93
C9 5MI G . -5.80 -9.19 20.94
C3 5MI G . -6.21 -9.44 19.70
C2 5MI G . -5.42 -10.39 19.18
CAJ 5MI G . -6.06 -7.31 24.26
C5 5MI H . -0.29 1.14 14.90
C6 5MI H . 0.18 2.22 15.64
C7 5MI H . 0.39 2.08 17.02
C8 5MI H . 0.12 0.87 17.63
N1 5MI H . 0.22 0.46 18.89
C4 5MI H . -0.55 -0.07 15.52
C9 5MI H . -0.35 -0.21 16.89
C3 5MI H . -0.52 -1.22 17.74
C2 5MI H . -0.16 -0.82 18.95
CAJ 5MI H . -0.52 1.31 13.41
#